data_6WF4
#
_entry.id   6WF4
#
_cell.length_a   97.176
_cell.length_b   97.176
_cell.length_c   29.393
_cell.angle_alpha   90.000
_cell.angle_beta   90.000
_cell.angle_gamma   120.000
#
_symmetry.space_group_name_H-M   'P 31 2 1'
#
loop_
_entity.id
_entity.type
_entity.pdbx_description
1 polymer 'Terfestatin Biosyntheis Enzyme C'
2 non-polymer (2~5~S)-2~3~,2~5~,2~6~-trihydroxy[1~1~,2~1~:2~4~,3~1~-terphenyl]-2~2~(2~5~H)-one
3 non-polymer 'ISOPROPYL ALCOHOL'
4 water water
#
_entity_poly.entity_id   1
_entity_poly.type   'polypeptide(L)'
_entity_poly.pdbx_seq_one_letter_code
;MGSSHHHHHHSSGLVPRGSHVANTMASPNTPAPPNAAASPNPSDSPNPSDSPNPPASPNIEAILASYAGFRDRDIEGILS
GMHPDVEWVHPEGMGKYGLGGTKLGHAGIKEFLAHVPTVLGGMRLAPREFIEQGDRVVVFGTREVTSLRGTTATLDFVHS
WTMRDGKATRMEDIFDTVAFHELIES
;
_entity_poly.pdbx_strand_id   A
#
# COMPACT_ATOMS: atom_id res chain seq x y z
N SER A 57 9.88 -4.04 -18.16
CA SER A 57 10.97 -4.00 -17.18
C SER A 57 10.62 -4.90 -15.98
N PRO A 58 11.62 -5.61 -15.45
CA PRO A 58 11.30 -6.71 -14.52
C PRO A 58 10.87 -6.26 -13.13
N ASN A 59 11.48 -5.19 -12.59
CA ASN A 59 11.00 -4.65 -11.32
C ASN A 59 9.59 -4.11 -11.48
N ILE A 60 9.33 -3.43 -12.61
CA ILE A 60 8.04 -2.80 -12.84
C ILE A 60 6.95 -3.86 -12.95
N GLU A 61 7.23 -4.96 -13.63
CA GLU A 61 6.13 -5.90 -13.82
C GLU A 61 5.82 -6.65 -12.54
N ALA A 62 6.81 -6.81 -11.66
CA ALA A 62 6.48 -7.40 -10.37
C ALA A 62 5.64 -6.45 -9.53
N ILE A 63 5.93 -5.15 -9.61
CA ILE A 63 5.14 -4.13 -8.93
C ILE A 63 3.73 -4.11 -9.47
N LEU A 64 3.59 -4.26 -10.78
CA LEU A 64 2.27 -4.23 -11.38
C LEU A 64 1.47 -5.45 -10.99
N ALA A 65 2.10 -6.61 -10.94
CA ALA A 65 1.39 -7.79 -10.46
C ALA A 65 0.83 -7.55 -9.07
N SER A 66 1.58 -6.86 -8.22
CA SER A 66 1.06 -6.60 -6.89
C SER A 66 -0.09 -5.62 -6.94
N TYR A 67 0.04 -4.54 -7.72
CA TYR A 67 -1.08 -3.61 -7.83
C TYR A 67 -2.29 -4.29 -8.43
N ALA A 68 -2.08 -5.26 -9.34
CA ALA A 68 -3.21 -5.98 -9.91
C ALA A 68 -3.88 -6.84 -8.85
N GLY A 69 -3.09 -7.47 -8.00
CA GLY A 69 -3.65 -8.22 -6.88
C GLY A 69 -4.55 -7.36 -6.01
N PHE A 70 -4.10 -6.15 -5.69
CA PHE A 70 -4.91 -5.26 -4.88
C PHE A 70 -6.22 -4.89 -5.59
N ARG A 71 -6.12 -4.58 -6.88
CA ARG A 71 -7.31 -4.25 -7.66
C ARG A 71 -8.31 -5.39 -7.63
N ASP A 72 -7.83 -6.63 -7.66
CA ASP A 72 -8.71 -7.79 -7.75
C ASP A 72 -9.06 -8.38 -6.38
N ARG A 73 -8.75 -7.66 -5.31
CA ARG A 73 -8.94 -8.12 -3.92
C ARG A 73 -8.34 -9.51 -3.79
N ASP A 74 -7.12 -9.65 -4.27
CA ASP A 74 -6.43 -10.93 -4.47
C ASP A 74 -5.11 -10.90 -3.70
N ILE A 75 -5.10 -11.46 -2.49
CA ILE A 75 -3.91 -11.42 -1.64
C ILE A 75 -2.75 -12.20 -2.30
N GLU A 76 -3.05 -13.33 -2.94
CA GLU A 76 -1.97 -14.07 -3.60
C GLU A 76 -1.29 -13.20 -4.65
N GLY A 77 -2.07 -12.44 -5.42
CA GLY A 77 -1.48 -11.51 -6.37
C GLY A 77 -0.64 -10.43 -5.70
N ILE A 78 -1.11 -9.90 -4.56
CA ILE A 78 -0.31 -8.91 -3.83
C ILE A 78 1.05 -9.50 -3.45
N LEU A 79 1.04 -10.69 -2.87
CA LEU A 79 2.30 -11.23 -2.38
C LEU A 79 3.20 -11.67 -3.52
N SER A 80 2.64 -11.83 -4.72
CA SER A 80 3.41 -12.23 -5.89
C SER A 80 4.46 -11.21 -6.33
N GLY A 81 4.61 -10.11 -5.61
CA GLY A 81 5.72 -9.21 -5.86
C GLY A 81 6.60 -9.03 -4.63
N MET A 82 6.20 -9.67 -3.53
CA MET A 82 6.84 -9.44 -2.24
C MET A 82 7.83 -10.56 -1.93
N HIS A 83 9.01 -10.19 -1.44
N HIS A 83 9.00 -10.17 -1.43
CA HIS A 83 9.89 -11.15 -0.82
CA HIS A 83 9.91 -11.10 -0.78
C HIS A 83 9.25 -11.65 0.47
C HIS A 83 9.29 -11.62 0.52
N PRO A 84 9.61 -12.85 0.91
CA PRO A 84 9.09 -13.34 2.20
C PRO A 84 9.50 -12.48 3.38
N ASP A 85 10.64 -11.80 3.27
CA ASP A 85 11.19 -10.95 4.32
C ASP A 85 10.68 -9.53 4.25
N VAL A 86 9.82 -9.22 3.28
CA VAL A 86 9.48 -7.85 2.92
C VAL A 86 9.10 -7.01 4.12
N GLU A 87 9.51 -5.75 4.07
CA GLU A 87 9.13 -4.72 5.02
C GLU A 87 7.96 -3.88 4.50
N TRP A 88 6.86 -3.87 5.22
CA TRP A 88 5.64 -3.13 4.84
C TRP A 88 5.45 -1.99 5.83
N VAL A 89 5.62 -0.75 5.36
CA VAL A 89 5.77 0.42 6.22
C VAL A 89 4.68 1.43 5.89
N HIS A 90 4.02 1.97 6.91
CA HIS A 90 3.03 3.03 6.77
C HIS A 90 3.27 4.11 7.79
N PRO A 91 2.79 5.33 7.55
CA PRO A 91 3.18 6.45 8.41
C PRO A 91 2.91 6.21 9.90
N GLU A 92 3.81 6.72 10.74
CA GLU A 92 3.58 6.60 12.17
C GLU A 92 2.29 7.29 12.58
N GLY A 93 1.87 8.32 11.86
CA GLY A 93 0.63 8.99 12.19
C GLY A 93 -0.63 8.21 11.93
N MET A 94 -0.53 6.98 11.42
N MET A 94 -0.54 6.97 11.43
CA MET A 94 -1.67 6.07 11.30
CA MET A 94 -1.70 6.09 11.34
C MET A 94 -1.78 5.17 12.52
C MET A 94 -1.81 5.19 12.54
N GLY A 95 -0.94 5.38 13.53
CA GLY A 95 -0.94 4.51 14.69
C GLY A 95 -2.26 4.56 15.43
N LYS A 96 -2.97 5.68 15.31
CA LYS A 96 -4.24 5.83 16.01
C LYS A 96 -5.26 4.82 15.51
N TYR A 97 -5.14 4.38 14.27
CA TYR A 97 -6.05 3.42 13.69
C TYR A 97 -5.40 2.05 13.58
N GLY A 98 -4.24 1.85 14.18
CA GLY A 98 -3.59 0.56 14.12
C GLY A 98 -3.07 0.23 12.74
N LEU A 99 -2.79 1.24 11.93
CA LEU A 99 -2.25 1.04 10.59
C LEU A 99 -0.94 1.79 10.36
N GLY A 100 -0.18 2.09 11.42
CA GLY A 100 1.10 2.74 11.28
C GLY A 100 2.26 1.81 11.45
N GLY A 101 3.45 2.32 11.17
CA GLY A 101 4.60 1.48 11.42
C GLY A 101 4.83 0.36 10.42
N THR A 102 5.67 -0.55 10.85
CA THR A 102 6.23 -1.59 9.99
C THR A 102 5.59 -2.92 10.30
N LYS A 103 5.18 -3.63 9.26
CA LYS A 103 4.79 -5.02 9.38
C LYS A 103 5.80 -5.85 8.59
N LEU A 104 6.04 -7.07 9.07
CA LEU A 104 7.09 -7.89 8.48
C LEU A 104 6.51 -9.12 7.78
N GLY A 105 6.93 -9.31 6.54
CA GLY A 105 6.67 -10.56 5.87
C GLY A 105 5.23 -10.71 5.45
N HIS A 106 5.00 -11.83 4.77
CA HIS A 106 3.70 -12.12 4.20
C HIS A 106 2.63 -12.14 5.28
N ALA A 107 2.97 -12.70 6.43
CA ALA A 107 2.04 -12.71 7.54
C ALA A 107 1.69 -11.30 7.99
N GLY A 108 2.68 -10.42 8.04
CA GLY A 108 2.41 -9.08 8.51
C GLY A 108 1.46 -8.36 7.60
N ILE A 109 1.58 -8.59 6.30
CA ILE A 109 0.69 -7.94 5.34
C ILE A 109 -0.74 -8.39 5.58
N LYS A 110 -0.94 -9.68 5.77
CA LYS A 110 -2.28 -10.18 6.05
C LYS A 110 -2.86 -9.56 7.31
N GLU A 111 -2.04 -9.42 8.36
CA GLU A 111 -2.50 -8.73 9.57
C GLU A 111 -2.99 -7.34 9.25
N PHE A 112 -2.19 -6.57 8.50
CA PHE A 112 -2.57 -5.21 8.12
C PHE A 112 -3.88 -5.21 7.37
N LEU A 113 -4.02 -6.12 6.40
CA LEU A 113 -5.20 -6.12 5.55
C LEU A 113 -6.42 -6.58 6.30
N ALA A 114 -6.26 -7.45 7.29
CA ALA A 114 -7.39 -7.85 8.11
C ALA A 114 -7.89 -6.71 8.99
N HIS A 115 -7.03 -5.74 9.32
CA HIS A 115 -7.44 -4.61 10.14
C HIS A 115 -8.15 -3.52 9.32
N VAL A 116 -7.86 -3.42 8.03
CA VAL A 116 -8.34 -2.28 7.24
C VAL A 116 -9.85 -2.18 7.27
N PRO A 117 -10.61 -3.24 7.06
CA PRO A 117 -12.08 -3.11 7.03
C PRO A 117 -12.68 -2.62 8.34
N THR A 118 -11.93 -2.69 9.43
CA THR A 118 -12.30 -2.09 10.71
C THR A 118 -12.29 -0.57 10.68
N VAL A 119 -11.62 0.02 9.68
CA VAL A 119 -11.36 1.45 9.62
C VAL A 119 -12.04 2.10 8.42
N LEU A 120 -12.11 1.36 7.31
CA LEU A 120 -12.56 1.91 6.04
C LEU A 120 -13.56 0.97 5.37
N GLY A 121 -14.44 1.58 4.58
CA GLY A 121 -15.34 0.80 3.75
C GLY A 121 -14.77 0.35 2.43
N GLY A 122 -13.74 1.00 1.92
CA GLY A 122 -13.16 0.58 0.65
C GLY A 122 -12.02 1.46 0.19
N MET A 123 -11.26 0.93 -0.76
CA MET A 123 -10.13 1.63 -1.34
C MET A 123 -9.84 1.13 -2.74
N ARG A 124 -9.58 2.02 -3.70
CA ARG A 124 -9.20 1.67 -5.08
C ARG A 124 -7.94 2.47 -5.46
N LEU A 125 -6.89 1.83 -5.95
CA LEU A 125 -5.64 2.50 -6.28
C LEU A 125 -5.57 2.83 -7.76
N ALA A 126 -4.95 3.96 -8.07
CA ALA A 126 -4.68 4.34 -9.45
C ALA A 126 -3.23 4.83 -9.54
N PRO A 127 -2.29 3.92 -9.76
CA PRO A 127 -0.90 4.36 -9.97
C PRO A 127 -0.81 5.19 -11.23
N ARG A 128 -0.04 6.28 -11.18
CA ARG A 128 0.03 7.12 -12.38
C ARG A 128 1.43 7.25 -12.95
N GLU A 129 2.45 7.41 -12.11
CA GLU A 129 3.81 7.68 -12.57
C GLU A 129 4.76 6.72 -11.87
N PHE A 130 5.73 6.21 -12.60
CA PHE A 130 6.74 5.32 -12.06
C PHE A 130 8.11 5.92 -12.37
N ILE A 131 8.89 6.17 -11.34
CA ILE A 131 10.26 6.65 -11.48
C ILE A 131 11.18 5.55 -10.98
N GLU A 132 12.14 5.16 -11.82
CA GLU A 132 12.93 3.96 -11.55
C GLU A 132 14.40 4.25 -11.75
N GLN A 133 15.22 3.69 -10.85
CA GLN A 133 16.67 3.79 -10.93
C GLN A 133 17.18 2.68 -10.02
N GLY A 134 17.73 1.62 -10.62
CA GLY A 134 18.27 0.48 -9.87
C GLY A 134 17.21 -0.42 -9.27
N ASP A 135 17.48 -0.92 -8.04
CA ASP A 135 16.49 -1.69 -7.29
C ASP A 135 15.52 -0.79 -6.50
N ARG A 136 15.38 0.48 -6.91
CA ARG A 136 14.42 1.40 -6.29
C ARG A 136 13.42 1.88 -7.33
N VAL A 137 12.13 1.89 -6.95
CA VAL A 137 11.05 2.45 -7.76
C VAL A 137 10.14 3.29 -6.87
N VAL A 138 9.85 4.50 -7.30
CA VAL A 138 8.91 5.38 -6.62
C VAL A 138 7.68 5.54 -7.50
N VAL A 139 6.51 5.23 -6.94
CA VAL A 139 5.24 5.30 -7.67
C VAL A 139 4.36 6.38 -7.06
N PHE A 140 3.92 7.31 -7.89
CA PHE A 140 2.96 8.35 -7.52
C PHE A 140 1.61 8.00 -8.12
N GLY A 141 0.54 8.24 -7.35
CA GLY A 141 -0.80 7.94 -7.80
C GLY A 141 -1.86 8.63 -6.96
N THR A 142 -3.11 8.27 -7.22
CA THR A 142 -4.22 8.64 -6.36
C THR A 142 -4.95 7.38 -5.97
N ARG A 143 -5.83 7.51 -4.98
CA ARG A 143 -6.66 6.40 -4.58
C ARG A 143 -8.00 6.95 -4.14
N GLU A 144 -9.06 6.19 -4.45
CA GLU A 144 -10.41 6.43 -3.92
C GLU A 144 -10.57 5.71 -2.59
N VAL A 145 -10.85 6.44 -1.55
CA VAL A 145 -10.97 5.89 -0.21
C VAL A 145 -12.39 6.11 0.29
N THR A 146 -13.04 5.05 0.77
CA THR A 146 -14.40 5.16 1.31
C THR A 146 -14.44 4.90 2.81
N SER A 147 -15.05 5.83 3.55
CA SER A 147 -15.24 5.69 4.98
C SER A 147 -16.31 4.64 5.29
N LEU A 148 -16.36 4.22 6.56
CA LEU A 148 -17.39 3.28 6.96
C LEU A 148 -18.79 3.88 6.87
N ARG A 149 -18.91 5.19 6.73
CA ARG A 149 -20.20 5.86 6.57
C ARG A 149 -20.54 6.15 5.11
N GLY A 150 -19.67 5.75 4.19
CA GLY A 150 -19.97 5.86 2.77
C GLY A 150 -19.44 7.09 2.11
N THR A 151 -18.74 7.94 2.85
CA THR A 151 -18.10 9.10 2.29
C THR A 151 -16.86 8.70 1.53
N THR A 152 -16.66 9.30 0.37
CA THR A 152 -15.56 8.93 -0.50
C THR A 152 -14.75 10.15 -0.85
N ALA A 153 -13.42 10.00 -0.86
CA ALA A 153 -12.49 11.04 -1.22
C ALA A 153 -11.44 10.48 -2.16
N THR A 154 -10.87 11.35 -2.98
CA THR A 154 -9.67 11.01 -3.74
C THR A 154 -8.48 11.60 -2.98
N LEU A 155 -7.48 10.75 -2.70
CA LEU A 155 -6.27 11.14 -2.00
C LEU A 155 -5.04 10.69 -2.78
N ASP A 156 -3.93 11.38 -2.54
CA ASP A 156 -2.65 11.08 -3.20
C ASP A 156 -1.89 9.98 -2.45
N PHE A 157 -1.03 9.25 -3.16
CA PHE A 157 -0.08 8.37 -2.49
C PHE A 157 1.27 8.38 -3.18
N VAL A 158 2.30 8.04 -2.40
CA VAL A 158 3.63 7.71 -2.88
C VAL A 158 4.01 6.37 -2.28
N HIS A 159 4.29 5.41 -3.13
CA HIS A 159 4.88 4.15 -2.73
C HIS A 159 6.35 4.14 -3.10
N SER A 160 7.19 3.85 -2.13
CA SER A 160 8.64 3.76 -2.32
C SER A 160 9.01 2.28 -2.22
N TRP A 161 9.39 1.70 -3.36
CA TRP A 161 9.72 0.28 -3.44
C TRP A 161 11.24 0.06 -3.44
N THR A 162 11.69 -0.90 -2.66
CA THR A 162 13.04 -1.43 -2.76
C THR A 162 12.95 -2.90 -3.18
N MET A 163 13.59 -3.23 -4.30
CA MET A 163 13.56 -4.56 -4.88
C MET A 163 14.90 -5.26 -4.71
N ARG A 164 14.87 -6.57 -4.94
CA ARG A 164 16.06 -7.38 -5.16
C ARG A 164 15.64 -8.76 -5.67
N ASP A 165 16.43 -9.30 -6.59
CA ASP A 165 16.10 -10.53 -7.33
C ASP A 165 14.65 -10.54 -7.76
N GLY A 166 14.14 -9.35 -8.08
CA GLY A 166 12.87 -9.20 -8.77
C GLY A 166 11.66 -9.06 -7.89
N LYS A 167 11.80 -9.18 -6.58
CA LYS A 167 10.69 -9.01 -5.66
C LYS A 167 11.02 -7.89 -4.69
N ALA A 168 9.99 -7.41 -4.02
CA ALA A 168 10.16 -6.28 -3.13
C ALA A 168 10.71 -6.73 -1.79
N THR A 169 11.78 -6.10 -1.35
CA THR A 169 12.19 -6.24 0.03
C THR A 169 11.61 -5.16 0.93
N ARG A 170 11.03 -4.10 0.36
CA ARG A 170 10.47 -3.05 1.18
C ARG A 170 9.55 -2.19 0.34
N MET A 171 8.38 -1.87 0.91
CA MET A 171 7.40 -0.99 0.31
C MET A 171 6.90 -0.07 1.39
N GLU A 172 7.14 1.23 1.22
CA GLU A 172 6.71 2.23 2.17
C GLU A 172 5.73 3.16 1.49
N ASP A 173 4.57 3.36 2.14
CA ASP A 173 3.51 4.29 1.76
C ASP A 173 3.67 5.61 2.51
N ILE A 174 3.69 6.71 1.76
CA ILE A 174 3.88 8.06 2.31
C ILE A 174 2.75 8.93 1.79
N PHE A 175 2.02 9.55 2.70
CA PHE A 175 0.84 10.32 2.35
C PHE A 175 0.46 11.26 3.47
N ASP A 176 -0.46 12.17 3.16
CA ASP A 176 -1.05 13.19 4.02
C ASP A 176 -2.01 12.54 5.01
N THR A 177 -1.51 12.25 6.20
CA THR A 177 -2.31 11.48 7.15
C THR A 177 -3.45 12.33 7.73
N VAL A 178 -3.26 13.64 7.87
CA VAL A 178 -4.37 14.48 8.35
C VAL A 178 -5.56 14.33 7.41
N ALA A 179 -5.33 14.47 6.12
CA ALA A 179 -6.41 14.36 5.17
C ALA A 179 -7.03 12.97 5.21
N PHE A 180 -6.22 11.96 5.49
CA PHE A 180 -6.72 10.60 5.54
C PHE A 180 -7.62 10.41 6.75
N HIS A 181 -7.16 10.87 7.91
CA HIS A 181 -7.97 10.83 9.13
C HIS A 181 -9.32 11.52 8.92
N GLU A 182 -9.31 12.65 8.27
CA GLU A 182 -10.53 13.45 7.99
C GLU A 182 -11.52 12.60 7.20
N LEU A 183 -11.03 11.80 6.28
CA LEU A 183 -11.87 10.92 5.45
C LEU A 183 -12.43 9.83 6.36
N ILE A 184 -11.58 9.12 7.09
CA ILE A 184 -11.98 8.05 8.04
C ILE A 184 -13.08 8.53 8.98
N GLU A 185 -12.98 9.73 9.54
CA GLU A 185 -13.93 10.29 10.53
C GLU A 185 -15.14 10.95 9.87
N SER A 186 -15.27 10.95 8.56
CA SER A 186 -16.43 11.51 7.83
C SER A 186 -17.30 10.38 7.26
#